data_6Y04
#
_entry.id   6Y04
#
_cell.length_a   47.300
_cell.length_b   77.300
_cell.length_c   90.700
_cell.angle_alpha   90.000
_cell.angle_beta   90.000
_cell.angle_gamma   90.000
#
_symmetry.space_group_name_H-M   'P 21 21 21'
#
loop_
_entity.id
_entity.type
_entity.pdbx_description
1 polymer 'Carbonic anhydrase'
2 non-polymer 'ZINC ION'
3 water water
#
_entity_poly.entity_id   1
_entity_poly.type   'polypeptide(L)'
_entity_poly.pdbx_seq_one_letter_code
;MSQLELITSANQAFLEANPELTKLNKAPQRHIAIVTCMDTRLVNFAEDAIGVKRGEATVIKAAGNGIWTTGLSDIVVSLL
VSIYELGVQEIFIMGHECCGMTHASTDSLGAQMLKSGIKPEDIEKFKSDLSKWVDDFKDPIDNIKNSVRCVRENPLIPKN
IPIHGLLIHPDTGKVTTIINGY
;
_entity_poly.pdbx_strand_id   A,B
#
loop_
_chem_comp.id
_chem_comp.type
_chem_comp.name
_chem_comp.formula
ZN non-polymer 'ZINC ION' 'Zn 2'
#
# COMPACT_ATOMS: atom_id res chain seq x y z
N MET A 1 -18.41 6.03 21.31
CA MET A 1 -17.07 5.39 21.09
C MET A 1 -16.33 6.09 19.95
N SER A 2 -15.05 6.37 20.17
CA SER A 2 -14.15 6.88 19.13
C SER A 2 -13.72 5.74 18.20
N GLN A 3 -13.12 6.11 17.07
CA GLN A 3 -12.71 5.13 16.05
C GLN A 3 -11.61 4.22 16.62
N LEU A 4 -10.75 4.80 17.44
CA LEU A 4 -9.69 4.05 18.10
C LEU A 4 -10.32 3.04 19.05
N GLU A 5 -11.33 3.48 19.81
CA GLU A 5 -11.98 2.62 20.80
C GLU A 5 -12.64 1.46 20.08
N LEU A 6 -13.23 1.72 18.91
CA LEU A 6 -13.92 0.73 18.11
C LEU A 6 -12.93 -0.34 17.66
N ILE A 7 -11.73 0.10 17.24
CA ILE A 7 -10.67 -0.78 16.80
C ILE A 7 -10.17 -1.63 17.97
N THR A 8 -9.92 -1.00 19.12
CA THR A 8 -9.48 -1.67 20.34
C THR A 8 -10.47 -2.76 20.70
N SER A 9 -11.74 -2.36 20.70
CA SER A 9 -12.87 -3.21 21.03
C SER A 9 -12.94 -4.39 20.07
N ALA A 10 -12.88 -4.11 18.76
CA ALA A 10 -13.00 -5.15 17.75
C ALA A 10 -11.84 -6.14 17.87
N ASN A 11 -10.67 -5.64 18.24
CA ASN A 11 -9.49 -6.48 18.36
C ASN A 11 -9.68 -7.48 19.49
N GLN A 12 -10.23 -7.00 20.61
CA GLN A 12 -10.49 -7.85 21.77
C GLN A 12 -11.39 -9.01 21.34
N ALA A 13 -12.49 -8.67 20.65
CA ALA A 13 -13.47 -9.63 20.15
C ALA A 13 -12.82 -10.58 19.15
N PHE A 14 -11.85 -10.06 18.37
CA PHE A 14 -11.20 -10.84 17.34
C PHE A 14 -10.34 -11.93 17.97
N LEU A 15 -9.59 -11.55 19.02
CA LEU A 15 -8.68 -12.43 19.71
C LEU A 15 -9.45 -13.52 20.45
N GLU A 16 -10.62 -13.16 20.96
CA GLU A 16 -11.47 -14.10 21.68
C GLU A 16 -11.96 -15.18 20.72
N ALA A 17 -12.39 -14.75 19.52
CA ALA A 17 -12.98 -15.64 18.53
C ALA A 17 -11.91 -16.45 17.79
N ASN A 18 -10.64 -16.04 17.93
CA ASN A 18 -9.56 -16.65 17.19
C ASN A 18 -8.42 -16.98 18.14
N PRO A 19 -8.63 -17.90 19.12
CA PRO A 19 -7.76 -18.01 20.28
C PRO A 19 -6.34 -18.50 19.99
N GLU A 20 -6.18 -19.34 18.96
CA GLU A 20 -4.88 -19.91 18.64
C GLU A 20 -4.77 -20.16 17.14
N LEU A 21 -4.06 -19.28 16.44
CA LEU A 21 -3.95 -19.37 15.00
C LEU A 21 -2.58 -19.94 14.62
N THR A 22 -2.54 -20.70 13.53
CA THR A 22 -1.30 -21.28 13.02
C THR A 22 -0.42 -20.18 12.46
N LYS A 23 0.85 -20.16 12.88
CA LYS A 23 1.86 -19.23 12.37
C LYS A 23 2.11 -19.54 10.90
N LEU A 24 2.12 -18.49 10.06
CA LEU A 24 2.38 -18.66 8.64
C LEU A 24 3.82 -18.24 8.33
N ASN A 25 4.32 -18.69 7.18
CA ASN A 25 5.62 -18.24 6.71
C ASN A 25 5.55 -16.74 6.44
N LYS A 26 6.66 -16.04 6.72
CA LYS A 26 6.75 -14.60 6.52
C LYS A 26 6.91 -14.27 5.04
N ALA A 27 7.35 -15.25 4.24
CA ALA A 27 7.52 -15.09 2.80
C ALA A 27 6.25 -15.51 2.07
N PRO A 28 5.83 -14.78 1.00
CA PRO A 28 4.66 -15.16 0.21
C PRO A 28 4.84 -16.51 -0.52
N GLN A 29 3.90 -17.42 -0.27
CA GLN A 29 4.06 -18.82 -0.65
C GLN A 29 3.78 -19.04 -2.13
N ARG A 30 3.26 -18.04 -2.83
CA ARG A 30 3.08 -18.16 -4.28
C ARG A 30 4.08 -17.28 -5.02
N HIS A 31 4.95 -16.60 -4.26
CA HIS A 31 6.07 -15.85 -4.80
C HIS A 31 5.60 -14.72 -5.70
N ILE A 32 4.50 -14.06 -5.30
CA ILE A 32 3.92 -13.00 -6.13
C ILE A 32 3.70 -11.74 -5.29
N ALA A 33 3.85 -10.60 -5.95
CA ALA A 33 3.53 -9.31 -5.37
C ALA A 33 2.36 -8.69 -6.14
N ILE A 34 1.37 -8.17 -5.40
CA ILE A 34 0.26 -7.41 -5.97
C ILE A 34 0.45 -5.94 -5.61
N VAL A 35 0.39 -5.07 -6.63
CA VAL A 35 0.31 -3.62 -6.43
C VAL A 35 -1.09 -3.14 -6.83
N THR A 36 -1.81 -2.56 -5.88
CA THR A 36 -3.16 -2.11 -6.19
C THR A 36 -3.46 -0.79 -5.48
N CYS A 37 -4.71 -0.35 -5.59
CA CYS A 37 -5.12 0.98 -5.12
C CYS A 37 -5.58 0.91 -3.67
N MET A 38 -5.57 2.07 -3.01
CA MET A 38 -5.98 2.15 -1.61
C MET A 38 -7.51 2.17 -1.50
N ASP A 39 -8.21 2.16 -2.65
CA ASP A 39 -9.65 2.36 -2.74
C ASP A 39 -10.38 1.54 -1.69
N THR A 40 -11.33 2.20 -1.01
CA THR A 40 -12.09 1.58 0.08
C THR A 40 -12.80 0.31 -0.37
N ARG A 41 -13.14 0.23 -1.67
CA ARG A 41 -13.98 -0.82 -2.21
C ARG A 41 -13.19 -2.11 -2.45
N LEU A 42 -11.85 -2.01 -2.45
CA LEU A 42 -11.00 -3.15 -2.74
C LEU A 42 -10.58 -3.86 -1.45
N VAL A 43 -10.83 -3.23 -0.30
CA VAL A 43 -10.50 -3.78 1.01
C VAL A 43 -11.40 -4.98 1.29
N ASN A 44 -10.80 -6.13 1.57
CA ASN A 44 -11.49 -7.39 1.77
C ASN A 44 -12.32 -7.74 0.54
N PHE A 45 -11.70 -7.58 -0.63
CA PHE A 45 -12.42 -7.75 -1.89
C PHE A 45 -11.46 -8.19 -2.98
N ALA A 46 -10.45 -7.35 -3.24
CA ALA A 46 -9.55 -7.53 -4.37
C ALA A 46 -8.84 -8.89 -4.33
N GLU A 47 -8.43 -9.31 -3.13
CA GLU A 47 -7.66 -10.53 -2.96
C GLU A 47 -8.54 -11.74 -3.26
N ASP A 48 -9.78 -11.69 -2.75
CA ASP A 48 -10.71 -12.78 -3.00
C ASP A 48 -11.00 -12.84 -4.50
N ALA A 49 -11.05 -11.66 -5.13
CA ALA A 49 -11.44 -11.53 -6.53
C ALA A 49 -10.39 -12.18 -7.44
N ILE A 50 -9.14 -12.22 -6.97
CA ILE A 50 -8.06 -12.80 -7.76
C ILE A 50 -7.63 -14.14 -7.16
N GLY A 51 -8.35 -14.63 -6.14
CA GLY A 51 -8.08 -15.92 -5.53
C GLY A 51 -6.76 -15.95 -4.75
N VAL A 52 -6.41 -14.81 -4.17
CA VAL A 52 -5.18 -14.73 -3.40
C VAL A 52 -5.58 -14.83 -1.93
N LYS A 53 -4.91 -15.74 -1.23
CA LYS A 53 -5.20 -16.03 0.17
C LYS A 53 -4.09 -15.46 1.05
N ARG A 54 -4.41 -15.33 2.34
CA ARG A 54 -3.43 -14.92 3.34
C ARG A 54 -2.16 -15.76 3.20
N GLY A 55 -1.00 -15.11 3.25
CA GLY A 55 0.27 -15.83 3.29
C GLY A 55 0.82 -16.20 1.90
N GLU A 56 0.09 -15.81 0.84
CA GLU A 56 0.43 -16.23 -0.51
C GLU A 56 1.17 -15.14 -1.29
N ALA A 57 0.87 -13.86 -1.01
CA ALA A 57 1.41 -12.73 -1.75
C ALA A 57 1.74 -11.57 -0.82
N THR A 58 2.65 -10.71 -1.25
CA THR A 58 2.72 -9.36 -0.67
C THR A 58 1.73 -8.48 -1.44
N VAL A 59 1.11 -7.55 -0.71
CA VAL A 59 0.18 -6.61 -1.30
C VAL A 59 0.64 -5.20 -0.95
N ILE A 60 0.83 -4.38 -2.00
CA ILE A 60 1.33 -3.01 -1.89
C ILE A 60 0.20 -2.12 -2.40
N LYS A 61 -0.18 -1.09 -1.64
CA LYS A 61 -1.30 -0.25 -2.03
C LYS A 61 -0.97 1.24 -1.85
N ALA A 62 -1.28 2.02 -2.89
CA ALA A 62 -1.22 3.47 -2.86
C ALA A 62 -2.34 4.03 -3.73
N ALA A 63 -2.70 5.29 -3.50
CA ALA A 63 -3.69 5.97 -4.32
C ALA A 63 -3.28 5.91 -5.79
N GLY A 64 -4.01 5.11 -6.57
CA GLY A 64 -3.81 5.05 -8.02
C GLY A 64 -2.75 4.03 -8.45
N ASN A 65 -2.16 3.32 -7.48
CA ASN A 65 -1.27 2.19 -7.73
C ASN A 65 -0.27 2.49 -8.85
N GLY A 66 0.35 3.68 -8.79
CA GLY A 66 1.16 4.17 -9.90
C GLY A 66 2.66 4.08 -9.61
N ILE A 67 3.41 3.65 -10.63
CA ILE A 67 4.85 3.83 -10.68
C ILE A 67 5.14 4.69 -11.90
N TRP A 68 5.54 5.94 -11.66
CA TRP A 68 5.88 6.84 -12.74
C TRP A 68 7.39 7.05 -12.80
N THR A 69 8.10 6.60 -11.75
CA THR A 69 9.52 6.82 -11.60
C THR A 69 10.29 5.55 -11.96
N THR A 70 11.52 5.73 -12.46
CA THR A 70 12.47 4.62 -12.58
C THR A 70 13.58 4.73 -11.54
N GLY A 71 13.43 5.68 -10.61
CA GLY A 71 14.23 5.74 -9.39
C GLY A 71 13.60 4.89 -8.29
N LEU A 72 13.54 5.47 -7.08
CA LEU A 72 12.97 4.80 -5.92
C LEU A 72 11.70 5.52 -5.47
N SER A 73 10.79 4.74 -4.88
CA SER A 73 9.57 5.22 -4.25
C SER A 73 9.15 4.18 -3.23
N ASP A 74 8.12 4.48 -2.44
CA ASP A 74 7.55 3.52 -1.49
C ASP A 74 7.23 2.21 -2.23
N ILE A 75 6.57 2.32 -3.38
CA ILE A 75 6.08 1.16 -4.10
C ILE A 75 7.27 0.36 -4.64
N VAL A 76 8.21 1.06 -5.26
CA VAL A 76 9.37 0.42 -5.86
C VAL A 76 10.16 -0.33 -4.79
N VAL A 77 10.45 0.31 -3.66
CA VAL A 77 11.22 -0.29 -2.59
C VAL A 77 10.53 -1.57 -2.10
N SER A 78 9.19 -1.51 -1.99
CA SER A 78 8.37 -2.65 -1.61
C SER A 78 8.60 -3.82 -2.57
N LEU A 79 8.73 -3.52 -3.85
CA LEU A 79 8.96 -4.54 -4.86
C LEU A 79 10.37 -5.13 -4.73
N LEU A 80 11.35 -4.28 -4.41
CA LEU A 80 12.73 -4.74 -4.25
C LEU A 80 12.83 -5.70 -3.06
N VAL A 81 12.17 -5.33 -1.95
CA VAL A 81 12.14 -6.16 -0.78
C VAL A 81 11.43 -7.47 -1.10
N SER A 82 10.31 -7.38 -1.82
CA SER A 82 9.54 -8.57 -2.18
C SER A 82 10.43 -9.55 -2.93
N ILE A 83 11.18 -9.03 -3.93
CA ILE A 83 11.92 -9.91 -4.83
C ILE A 83 13.14 -10.47 -4.12
N TYR A 84 13.95 -9.57 -3.54
CA TYR A 84 15.30 -9.89 -3.11
C TYR A 84 15.30 -10.51 -1.71
N GLU A 85 14.43 -10.00 -0.84
CA GLU A 85 14.40 -10.46 0.54
C GLU A 85 13.38 -11.59 0.68
N LEU A 86 12.28 -11.55 -0.07
CA LEU A 86 11.15 -12.41 0.26
C LEU A 86 10.81 -13.42 -0.85
N GLY A 87 11.61 -13.44 -1.93
CA GLY A 87 11.54 -14.52 -2.91
C GLY A 87 10.44 -14.37 -3.95
N VAL A 88 9.92 -13.15 -4.14
CA VAL A 88 8.87 -12.91 -5.12
C VAL A 88 9.45 -13.04 -6.54
N GLN A 89 8.71 -13.73 -7.42
CA GLN A 89 9.16 -14.04 -8.77
C GLN A 89 8.27 -13.37 -9.82
N GLU A 90 7.11 -12.84 -9.42
CA GLU A 90 6.15 -12.25 -10.34
C GLU A 90 5.51 -11.02 -9.71
N ILE A 91 5.31 -9.99 -10.52
CA ILE A 91 4.65 -8.77 -10.04
C ILE A 91 3.38 -8.56 -10.86
N PHE A 92 2.25 -8.38 -10.15
CA PHE A 92 1.00 -7.99 -10.78
C PHE A 92 0.65 -6.57 -10.36
N ILE A 93 0.53 -5.68 -11.35
CA ILE A 93 0.03 -4.33 -11.10
C ILE A 93 -1.44 -4.25 -11.52
N MET A 94 -2.30 -3.94 -10.54
CA MET A 94 -3.74 -4.05 -10.74
C MET A 94 -4.42 -2.72 -10.43
N GLY A 95 -4.79 -2.01 -11.50
CA GLY A 95 -5.57 -0.78 -11.41
C GLY A 95 -7.06 -1.06 -11.40
N HIS A 96 -7.87 -0.02 -11.33
CA HIS A 96 -9.31 -0.21 -11.29
C HIS A 96 -10.03 0.93 -11.97
N GLU A 97 -11.22 0.61 -12.51
CA GLU A 97 -12.12 1.56 -13.14
C GLU A 97 -12.68 2.47 -12.05
N CYS A 98 -12.99 3.72 -12.41
CA CYS A 98 -13.56 4.70 -11.51
C CYS A 98 -12.55 5.06 -10.42
N CYS A 99 -11.25 5.14 -10.77
CA CYS A 99 -10.22 5.42 -9.79
C CYS A 99 -10.31 6.91 -9.44
N GLY A 100 -10.08 7.24 -8.16
CA GLY A 100 -10.32 8.59 -7.66
C GLY A 100 -9.23 9.58 -8.07
N MET A 101 -8.21 9.04 -8.77
CA MET A 101 -6.97 9.72 -9.06
C MET A 101 -7.06 10.34 -10.46
N THR A 102 -8.01 9.85 -11.25
CA THR A 102 -8.32 10.37 -12.57
C THR A 102 -8.76 11.84 -12.46
N HIS A 103 -9.79 12.08 -11.64
CA HIS A 103 -10.36 13.41 -11.46
C HIS A 103 -9.82 14.06 -10.19
N ALA A 104 -8.59 13.71 -9.82
CA ALA A 104 -7.83 14.45 -8.81
C ALA A 104 -6.71 15.21 -9.52
N SER A 105 -6.53 16.47 -9.12
CA SER A 105 -5.54 17.32 -9.76
C SER A 105 -4.89 18.18 -8.68
N THR A 106 -3.81 18.87 -9.02
CA THR A 106 -3.14 19.77 -8.08
C THR A 106 -4.06 20.94 -7.75
N ASP A 107 -4.87 21.35 -8.74
CA ASP A 107 -5.84 22.42 -8.55
C ASP A 107 -6.86 22.03 -7.49
N SER A 108 -7.47 20.85 -7.64
CA SER A 108 -8.55 20.42 -6.77
C SER A 108 -8.03 20.15 -5.36
N LEU A 109 -6.83 19.56 -5.27
CA LEU A 109 -6.22 19.30 -3.97
C LEU A 109 -5.81 20.62 -3.33
N GLY A 110 -5.29 21.53 -4.14
CA GLY A 110 -4.89 22.85 -3.69
C GLY A 110 -6.06 23.60 -3.07
N ALA A 111 -7.18 23.62 -3.81
CA ALA A 111 -8.45 24.20 -3.37
C ALA A 111 -8.85 23.65 -2.00
N GLN A 112 -8.76 22.31 -1.85
CA GLN A 112 -9.17 21.64 -0.63
C GLN A 112 -8.25 22.03 0.54
N MET A 113 -6.96 22.15 0.24
CA MET A 113 -5.95 22.47 1.24
C MET A 113 -6.13 23.91 1.73
N LEU A 114 -6.44 24.81 0.79
CA LEU A 114 -6.71 26.21 1.09
C LEU A 114 -7.87 26.31 2.08
N LYS A 115 -8.92 25.52 1.82
CA LYS A 115 -10.09 25.43 2.70
C LYS A 115 -9.66 25.04 4.11
N SER A 116 -8.62 24.20 4.21
CA SER A 116 -8.27 23.59 5.48
C SER A 116 -7.21 24.43 6.20
N GLY A 117 -6.89 25.61 5.65
CA GLY A 117 -6.01 26.55 6.32
C GLY A 117 -4.55 26.21 6.12
N ILE A 118 -4.26 25.46 5.05
CA ILE A 118 -2.88 25.16 4.68
C ILE A 118 -2.31 26.43 4.03
N LYS A 119 -1.08 26.79 4.40
CA LYS A 119 -0.43 27.97 3.89
C LYS A 119 -0.30 27.90 2.37
N PRO A 120 -0.78 28.94 1.64
CA PRO A 120 -0.64 28.99 0.18
C PRO A 120 0.79 28.77 -0.31
N GLU A 121 1.75 29.27 0.48
CA GLU A 121 3.16 29.19 0.12
C GLU A 121 3.61 27.74 0.11
N ASP A 122 3.08 26.96 1.06
CA ASP A 122 3.36 25.54 1.18
C ASP A 122 2.75 24.77 0.01
N ILE A 123 1.56 25.19 -0.44
CA ILE A 123 0.87 24.56 -1.56
C ILE A 123 1.66 24.76 -2.84
N GLU A 124 2.22 25.95 -3.02
CA GLU A 124 2.99 26.27 -4.21
C GLU A 124 4.32 25.50 -4.21
N LYS A 125 4.90 25.33 -3.01
CA LYS A 125 6.20 24.67 -2.88
C LYS A 125 6.11 23.23 -3.39
N PHE A 126 4.97 22.56 -3.14
CA PHE A 126 4.85 21.13 -3.40
C PHE A 126 4.12 20.84 -4.71
N LYS A 127 3.54 21.89 -5.32
CA LYS A 127 2.65 21.76 -6.46
C LYS A 127 3.30 21.00 -7.60
N SER A 128 4.57 21.29 -7.87
CA SER A 128 5.26 20.71 -9.01
C SER A 128 5.47 19.20 -8.80
N ASP A 129 5.98 18.84 -7.61
CA ASP A 129 6.21 17.45 -7.26
C ASP A 129 4.88 16.69 -7.22
N LEU A 130 3.86 17.28 -6.58
CA LEU A 130 2.57 16.65 -6.38
C LEU A 130 1.95 16.30 -7.73
N SER A 131 2.25 17.13 -8.74
CA SER A 131 1.74 17.03 -10.10
C SER A 131 2.06 15.66 -10.69
N LYS A 132 3.20 15.11 -10.29
CA LYS A 132 3.73 13.89 -10.89
C LYS A 132 2.88 12.68 -10.51
N TRP A 133 2.13 12.79 -9.40
CA TRP A 133 1.23 11.73 -8.94
C TRP A 133 -0.17 11.89 -9.52
N VAL A 134 -0.72 13.12 -9.43
CA VAL A 134 -2.15 13.30 -9.59
C VAL A 134 -2.50 13.79 -11.00
N ASP A 135 -1.64 14.62 -11.59
CA ASP A 135 -1.95 15.20 -12.89
C ASP A 135 -1.57 14.24 -14.01
N ASP A 136 -0.49 13.47 -13.80
CA ASP A 136 -0.02 12.53 -14.80
C ASP A 136 -0.94 11.32 -14.87
N PHE A 137 -1.74 11.11 -13.82
CA PHE A 137 -2.76 10.06 -13.80
C PHE A 137 -3.93 10.44 -14.72
N LYS A 138 -3.85 9.99 -15.98
CA LYS A 138 -4.79 10.37 -17.01
C LYS A 138 -6.00 9.43 -16.97
N ASP A 139 -5.73 8.12 -17.02
CA ASP A 139 -6.74 7.09 -17.22
C ASP A 139 -6.22 5.81 -16.54
N PRO A 140 -7.11 5.02 -15.88
CA PRO A 140 -6.69 3.78 -15.21
C PRO A 140 -5.90 2.79 -16.08
N ILE A 141 -6.36 2.57 -17.32
CA ILE A 141 -5.74 1.62 -18.23
C ILE A 141 -4.35 2.13 -18.63
N ASP A 142 -4.27 3.43 -18.95
CA ASP A 142 -3.03 4.02 -19.38
C ASP A 142 -2.01 3.99 -18.24
N ASN A 143 -2.51 4.20 -17.01
CA ASN A 143 -1.69 4.17 -15.81
C ASN A 143 -1.14 2.76 -15.59
N ILE A 144 -1.96 1.74 -15.84
CA ILE A 144 -1.53 0.36 -15.70
C ILE A 144 -0.39 0.11 -16.69
N LYS A 145 -0.63 0.43 -17.96
CA LYS A 145 0.34 0.20 -19.03
C LYS A 145 1.65 0.91 -18.72
N ASN A 146 1.56 2.16 -18.24
CA ASN A 146 2.71 3.00 -17.96
C ASN A 146 3.44 2.51 -16.70
N SER A 147 2.68 2.03 -15.72
CA SER A 147 3.25 1.55 -14.48
C SER A 147 4.03 0.26 -14.75
N VAL A 148 3.45 -0.63 -15.54
CA VAL A 148 4.11 -1.87 -15.92
C VAL A 148 5.40 -1.54 -16.68
N ARG A 149 5.41 -0.44 -17.44
CA ARG A 149 6.58 -0.05 -18.19
C ARG A 149 7.67 0.44 -17.23
N CYS A 150 7.29 1.27 -16.25
CA CYS A 150 8.25 1.91 -15.37
C CYS A 150 8.91 0.90 -14.42
N VAL A 151 8.17 -0.14 -14.03
CA VAL A 151 8.75 -1.20 -13.23
C VAL A 151 9.74 -1.98 -14.10
N ARG A 152 9.33 -2.28 -15.34
CA ARG A 152 10.15 -3.03 -16.28
C ARG A 152 11.50 -2.35 -16.50
N GLU A 153 11.46 -1.03 -16.75
CA GLU A 153 12.64 -0.27 -17.14
C GLU A 153 13.44 0.16 -15.91
N ASN A 154 12.99 -0.27 -14.72
CA ASN A 154 13.72 0.02 -13.49
C ASN A 154 14.99 -0.83 -13.47
N PRO A 155 16.18 -0.21 -13.36
CA PRO A 155 17.45 -0.93 -13.43
C PRO A 155 17.72 -1.84 -12.23
N LEU A 156 16.94 -1.67 -11.17
CA LEU A 156 17.14 -2.46 -9.96
C LEU A 156 16.29 -3.73 -10.01
N ILE A 157 15.46 -3.87 -11.05
CA ILE A 157 14.53 -4.98 -11.13
C ILE A 157 14.96 -5.95 -12.23
N PRO A 158 15.20 -7.24 -11.89
CA PRO A 158 15.76 -8.21 -12.82
C PRO A 158 14.84 -8.41 -14.03
N LYS A 159 15.43 -8.78 -15.17
CA LYS A 159 14.70 -8.96 -16.42
C LYS A 159 13.86 -10.24 -16.38
N ASN A 160 14.21 -11.15 -15.47
CA ASN A 160 13.58 -12.45 -15.41
C ASN A 160 12.36 -12.44 -14.48
N ILE A 161 11.97 -11.26 -13.99
CA ILE A 161 10.78 -11.16 -13.14
C ILE A 161 9.64 -10.60 -14.00
N PRO A 162 8.66 -11.44 -14.42
CA PRO A 162 7.50 -10.94 -15.17
C PRO A 162 6.71 -9.86 -14.43
N ILE A 163 6.27 -8.84 -15.18
CA ILE A 163 5.40 -7.79 -14.67
C ILE A 163 4.12 -7.76 -15.50
N HIS A 164 3.00 -8.10 -14.82
CA HIS A 164 1.69 -8.17 -15.43
C HIS A 164 0.86 -6.94 -15.09
N GLY A 165 -0.13 -6.66 -15.93
CA GLY A 165 -1.06 -5.57 -15.70
C GLY A 165 -2.50 -6.07 -15.71
N LEU A 166 -3.23 -5.75 -14.65
CA LEU A 166 -4.61 -6.17 -14.51
C LEU A 166 -5.48 -4.95 -14.23
N LEU A 167 -6.77 -5.09 -14.57
CA LEU A 167 -7.78 -4.11 -14.24
C LEU A 167 -8.91 -4.83 -13.51
N ILE A 168 -9.27 -4.29 -12.34
CA ILE A 168 -10.40 -4.80 -11.59
C ILE A 168 -11.50 -3.75 -11.57
N HIS A 169 -12.75 -4.22 -11.64
CA HIS A 169 -13.91 -3.36 -11.46
C HIS A 169 -14.29 -3.30 -9.99
N PRO A 170 -14.34 -2.10 -9.37
CA PRO A 170 -14.50 -1.99 -7.92
C PRO A 170 -15.88 -2.41 -7.39
N ASP A 171 -16.86 -2.57 -8.28
CA ASP A 171 -18.20 -2.97 -7.88
C ASP A 171 -18.42 -4.47 -8.08
N THR A 172 -18.17 -4.96 -9.30
CA THR A 172 -18.47 -6.32 -9.68
C THR A 172 -17.31 -7.24 -9.27
N GLY A 173 -16.09 -6.70 -9.33
CA GLY A 173 -14.88 -7.44 -9.00
C GLY A 173 -14.31 -8.18 -10.21
N LYS A 174 -14.85 -7.90 -11.39
CA LYS A 174 -14.37 -8.50 -12.63
C LYS A 174 -12.94 -8.03 -12.91
N VAL A 175 -12.05 -8.99 -13.14
CA VAL A 175 -10.66 -8.70 -13.45
C VAL A 175 -10.42 -8.98 -14.93
N THR A 176 -9.79 -8.04 -15.63
CA THR A 176 -9.41 -8.25 -17.02
C THR A 176 -7.91 -8.04 -17.17
N THR A 177 -7.24 -8.95 -17.88
CA THR A 177 -5.82 -8.87 -18.18
C THR A 177 -5.56 -7.72 -19.15
N ILE A 178 -4.57 -6.90 -18.82
CA ILE A 178 -4.18 -5.80 -19.69
C ILE A 178 -2.82 -6.13 -20.32
N ILE A 179 -1.84 -6.49 -19.49
CA ILE A 179 -0.53 -6.90 -19.98
C ILE A 179 -0.16 -8.26 -19.39
N ASN A 180 0.24 -9.19 -20.26
CA ASN A 180 0.81 -10.46 -19.85
C ASN A 180 2.34 -10.34 -19.94
N GLY A 181 3.04 -10.55 -18.82
CA GLY A 181 4.44 -10.18 -18.72
C GLY A 181 5.42 -11.34 -18.87
N TYR A 182 4.96 -12.51 -19.33
CA TYR A 182 5.80 -13.71 -19.29
C TYR A 182 6.93 -13.66 -20.32
N MET B 1 -0.39 -24.77 -15.24
CA MET B 1 -1.13 -23.46 -15.15
C MET B 1 -0.24 -22.38 -14.55
N SER B 2 -0.17 -21.22 -15.24
CA SER B 2 0.60 -20.09 -14.77
C SER B 2 -0.18 -19.33 -13.68
N GLN B 3 0.53 -18.42 -12.99
CA GLN B 3 -0.06 -17.67 -11.90
C GLN B 3 -1.16 -16.75 -12.43
N LEU B 4 -0.94 -16.21 -13.63
CA LEU B 4 -1.92 -15.37 -14.29
C LEU B 4 -3.17 -16.19 -14.59
N GLU B 5 -2.97 -17.41 -15.10
CA GLU B 5 -4.08 -18.28 -15.46
C GLU B 5 -4.90 -18.60 -14.21
N LEU B 6 -4.21 -18.82 -13.09
CA LEU B 6 -4.84 -19.18 -11.83
C LEU B 6 -5.70 -18.02 -11.32
N ILE B 7 -5.19 -16.78 -11.49
CA ILE B 7 -5.92 -15.58 -11.12
C ILE B 7 -7.16 -15.42 -12.00
N THR B 8 -6.99 -15.59 -13.33
CA THR B 8 -8.08 -15.52 -14.29
C THR B 8 -9.18 -16.51 -13.90
N SER B 9 -8.74 -17.74 -13.62
CA SER B 9 -9.58 -18.85 -13.23
C SER B 9 -10.33 -18.53 -11.93
N ALA B 10 -9.59 -18.06 -10.91
CA ALA B 10 -10.19 -17.77 -9.61
C ALA B 10 -11.21 -16.65 -9.75
N ASN B 11 -10.95 -15.70 -10.65
CA ASN B 11 -11.83 -14.55 -10.84
C ASN B 11 -13.16 -15.02 -11.42
N GLN B 12 -13.07 -15.95 -12.39
CA GLN B 12 -14.26 -16.51 -13.01
C GLN B 12 -15.16 -17.11 -11.94
N ALA B 13 -14.55 -17.95 -11.07
CA ALA B 13 -15.24 -18.61 -9.98
C ALA B 13 -15.78 -17.58 -8.98
N PHE B 14 -15.06 -16.47 -8.81
CA PHE B 14 -15.46 -15.44 -7.87
C PHE B 14 -16.73 -14.74 -8.35
N LEU B 15 -16.78 -14.44 -9.65
CA LEU B 15 -17.90 -13.73 -10.25
C LEU B 15 -19.15 -14.61 -10.26
N GLU B 16 -18.94 -15.92 -10.42
CA GLU B 16 -20.03 -16.88 -10.42
C GLU B 16 -20.66 -16.92 -9.04
N ALA B 17 -19.83 -16.92 -7.99
CA ALA B 17 -20.27 -17.06 -6.61
C ALA B 17 -20.82 -15.74 -6.08
N ASN B 18 -20.54 -14.64 -6.79
CA ASN B 18 -20.92 -13.32 -6.31
C ASN B 18 -21.63 -12.56 -7.43
N PRO B 19 -22.81 -13.02 -7.87
CA PRO B 19 -23.39 -12.54 -9.14
C PRO B 19 -23.88 -11.09 -9.10
N GLU B 20 -24.28 -10.62 -7.92
CA GLU B 20 -24.94 -9.32 -7.79
C GLU B 20 -24.49 -8.67 -6.48
N LEU B 21 -23.51 -7.77 -6.57
CA LEU B 21 -23.02 -7.12 -5.38
C LEU B 21 -23.56 -5.69 -5.33
N THR B 22 -23.86 -5.23 -4.11
CA THR B 22 -24.34 -3.88 -3.87
C THR B 22 -23.20 -2.89 -4.14
N LYS B 23 -23.47 -1.84 -4.94
CA LYS B 23 -22.53 -0.76 -5.17
C LYS B 23 -22.24 -0.05 -3.85
N LEU B 24 -20.95 0.13 -3.51
CA LEU B 24 -20.59 0.81 -2.28
C LEU B 24 -20.15 2.22 -2.62
N ASN B 25 -20.21 3.10 -1.62
CA ASN B 25 -19.66 4.44 -1.76
C ASN B 25 -18.17 4.34 -2.00
N LYS B 26 -17.65 5.23 -2.84
CA LYS B 26 -16.23 5.26 -3.18
C LYS B 26 -15.42 5.86 -2.03
N ALA B 27 -16.10 6.62 -1.15
CA ALA B 27 -15.46 7.24 0.01
C ALA B 27 -15.57 6.32 1.23
N PRO B 28 -14.51 6.22 2.05
CA PRO B 28 -14.54 5.37 3.25
C PRO B 28 -15.57 5.87 4.28
N GLN B 29 -16.47 4.96 4.68
CA GLN B 29 -17.65 5.35 5.45
C GLN B 29 -17.33 5.54 6.93
N ARG B 30 -16.10 5.22 7.35
CA ARG B 30 -15.69 5.55 8.71
C ARG B 30 -14.69 6.71 8.72
N HIS B 31 -14.36 7.22 7.53
CA HIS B 31 -13.54 8.41 7.35
C HIS B 31 -12.14 8.19 7.94
N ILE B 32 -11.60 6.99 7.74
CA ILE B 32 -10.30 6.64 8.31
C ILE B 32 -9.39 6.08 7.22
N ALA B 33 -8.09 6.39 7.37
CA ALA B 33 -7.05 5.80 6.57
C ALA B 33 -6.18 4.92 7.45
N ILE B 34 -5.89 3.70 6.98
CA ILE B 34 -4.95 2.79 7.63
C ILE B 34 -3.69 2.71 6.77
N VAL B 35 -2.52 2.93 7.39
CA VAL B 35 -1.23 2.70 6.77
C VAL B 35 -0.57 1.50 7.43
N THR B 36 -0.29 0.45 6.66
CA THR B 36 0.26 -0.76 7.24
C THR B 36 1.26 -1.39 6.28
N CYS B 37 1.76 -2.58 6.64
CA CYS B 37 2.84 -3.22 5.92
C CYS B 37 2.32 -4.14 4.81
N MET B 38 3.18 -4.44 3.84
CA MET B 38 2.82 -5.31 2.73
C MET B 38 2.85 -6.77 3.15
N ASP B 39 3.26 -7.05 4.39
CA ASP B 39 3.57 -8.39 4.88
C ASP B 39 2.47 -9.38 4.47
N THR B 40 2.89 -10.54 3.95
CA THR B 40 1.99 -11.56 3.44
C THR B 40 0.99 -12.00 4.50
N ARG B 41 1.36 -11.91 5.79
CA ARG B 41 0.59 -12.44 6.90
C ARG B 41 -0.57 -11.52 7.28
N LEU B 42 -0.54 -10.28 6.80
CA LEU B 42 -1.56 -9.30 7.15
C LEU B 42 -2.69 -9.30 6.12
N VAL B 43 -2.45 -9.93 4.95
CA VAL B 43 -3.41 -10.00 3.87
C VAL B 43 -4.61 -10.86 4.30
N ASN B 44 -5.81 -10.29 4.23
CA ASN B 44 -7.03 -10.95 4.67
C ASN B 44 -6.91 -11.33 6.15
N PHE B 45 -6.41 -10.39 6.95
CA PHE B 45 -6.12 -10.66 8.35
C PHE B 45 -6.23 -9.36 9.14
N ALA B 46 -5.40 -8.37 8.77
CA ALA B 46 -5.21 -7.16 9.56
C ALA B 46 -6.52 -6.40 9.74
N GLU B 47 -7.32 -6.34 8.68
CA GLU B 47 -8.56 -5.56 8.69
C GLU B 47 -9.57 -6.22 9.61
N ASP B 48 -9.66 -7.55 9.56
CA ASP B 48 -10.58 -8.25 10.45
C ASP B 48 -10.11 -8.07 11.89
N ALA B 49 -8.79 -8.01 12.07
CA ALA B 49 -8.19 -7.92 13.39
C ALA B 49 -8.54 -6.58 14.05
N ILE B 50 -8.76 -5.54 13.23
CA ILE B 50 -9.10 -4.23 13.76
C ILE B 50 -10.58 -3.91 13.52
N GLY B 51 -11.34 -4.89 13.01
CA GLY B 51 -12.77 -4.73 12.79
C GLY B 51 -13.09 -3.75 11.66
N VAL B 52 -12.21 -3.67 10.66
CA VAL B 52 -12.45 -2.80 9.53
C VAL B 52 -13.01 -3.65 8.40
N LYS B 53 -14.14 -3.18 7.85
CA LYS B 53 -14.87 -3.89 6.81
C LYS B 53 -14.70 -3.16 5.48
N ARG B 54 -15.02 -3.88 4.39
CA ARG B 54 -15.04 -3.31 3.06
C ARG B 54 -15.86 -2.01 3.07
N GLY B 55 -15.37 -0.97 2.40
CA GLY B 55 -16.12 0.26 2.25
C GLY B 55 -15.93 1.26 3.39
N GLU B 56 -15.12 0.90 4.40
CA GLU B 56 -15.04 1.67 5.64
C GLU B 56 -13.79 2.56 5.68
N ALA B 57 -12.68 2.09 5.11
CA ALA B 57 -11.40 2.78 5.23
C ALA B 57 -10.63 2.73 3.91
N THR B 58 -9.72 3.70 3.72
CA THR B 58 -8.65 3.49 2.75
C THR B 58 -7.51 2.76 3.45
N VAL B 59 -6.84 1.87 2.71
CA VAL B 59 -5.73 1.08 3.23
C VAL B 59 -4.53 1.29 2.32
N ILE B 60 -3.43 1.76 2.92
CA ILE B 60 -2.19 2.08 2.23
C ILE B 60 -1.14 1.13 2.77
N LYS B 61 -0.43 0.41 1.88
CA LYS B 61 0.52 -0.59 2.34
C LYS B 61 1.84 -0.51 1.56
N ALA B 62 2.95 -0.55 2.32
CA ALA B 62 4.29 -0.62 1.78
C ALA B 62 5.18 -1.34 2.80
N ALA B 63 6.32 -1.86 2.32
CA ALA B 63 7.26 -2.57 3.17
C ALA B 63 7.68 -1.67 4.33
N GLY B 64 7.22 -1.99 5.54
CA GLY B 64 7.67 -1.27 6.72
C GLY B 64 6.80 -0.06 7.07
N ASN B 65 5.80 0.24 6.23
CA ASN B 65 4.76 1.22 6.50
C ASN B 65 5.35 2.51 7.08
N GLY B 66 6.44 2.99 6.46
CA GLY B 66 7.19 4.10 7.00
C GLY B 66 6.90 5.42 6.27
N ILE B 67 6.81 6.49 7.06
CA ILE B 67 6.93 7.85 6.55
C ILE B 67 8.15 8.45 7.25
N TRP B 68 9.23 8.62 6.50
CA TRP B 68 10.44 9.20 7.07
C TRP B 68 10.63 10.62 6.55
N THR B 69 9.84 10.99 5.53
CA THR B 69 9.94 12.29 4.87
C THR B 69 8.83 13.21 5.37
N THR B 70 9.09 14.53 5.34
CA THR B 70 8.04 15.52 5.52
C THR B 70 7.74 16.22 4.19
N GLY B 71 8.34 15.73 3.10
CA GLY B 71 7.95 16.09 1.75
C GLY B 71 6.82 15.18 1.24
N LEU B 72 6.96 14.71 0.00
CA LEU B 72 5.97 13.83 -0.60
C LEU B 72 6.56 12.43 -0.79
N SER B 73 5.68 11.43 -0.72
CA SER B 73 5.99 10.05 -1.03
C SER B 73 4.70 9.40 -1.51
N ASP B 74 4.76 8.14 -1.95
CA ASP B 74 3.58 7.38 -2.34
C ASP B 74 2.58 7.40 -1.19
N ILE B 75 3.07 7.12 0.02
CA ILE B 75 2.21 6.98 1.18
C ILE B 75 1.60 8.34 1.53
N VAL B 76 2.43 9.38 1.57
CA VAL B 76 1.97 10.72 1.92
C VAL B 76 0.88 11.18 0.95
N VAL B 77 1.12 11.02 -0.35
CA VAL B 77 0.17 11.44 -1.38
C VAL B 77 -1.17 10.74 -1.16
N SER B 78 -1.10 9.44 -0.85
CA SER B 78 -2.26 8.62 -0.54
C SER B 78 -3.07 9.23 0.60
N LEU B 79 -2.37 9.76 1.61
CA LEU B 79 -3.02 10.38 2.75
C LEU B 79 -3.67 11.72 2.35
N LEU B 80 -3.02 12.47 1.46
CA LEU B 80 -3.56 13.75 1.02
C LEU B 80 -4.85 13.51 0.22
N VAL B 81 -4.83 12.50 -0.66
CA VAL B 81 -5.99 12.12 -1.43
C VAL B 81 -7.09 11.66 -0.48
N SER B 82 -6.72 10.84 0.51
CA SER B 82 -7.69 10.33 1.47
C SER B 82 -8.42 11.49 2.15
N ILE B 83 -7.67 12.49 2.60
CA ILE B 83 -8.23 13.56 3.41
C ILE B 83 -9.04 14.50 2.53
N TYR B 84 -8.40 15.00 1.48
CA TYR B 84 -8.89 16.14 0.71
C TYR B 84 -9.91 15.71 -0.33
N GLU B 85 -9.67 14.55 -0.97
CA GLU B 85 -10.58 14.08 -2.00
C GLU B 85 -11.65 13.16 -1.40
N LEU B 86 -11.31 12.37 -0.37
CA LEU B 86 -12.17 11.26 0.01
C LEU B 86 -12.77 11.39 1.41
N GLY B 87 -12.50 12.50 2.12
CA GLY B 87 -13.18 12.82 3.35
C GLY B 87 -12.62 12.12 4.59
N VAL B 88 -11.38 11.63 4.56
CA VAL B 88 -10.79 10.96 5.70
C VAL B 88 -10.47 11.98 6.80
N GLN B 89 -10.81 11.62 8.05
CA GLN B 89 -10.67 12.53 9.19
C GLN B 89 -9.66 12.01 10.22
N GLU B 90 -9.24 10.74 10.09
CA GLU B 90 -8.34 10.13 11.04
C GLU B 90 -7.34 9.24 10.28
N ILE B 91 -6.10 9.26 10.74
CA ILE B 91 -5.08 8.40 10.15
C ILE B 91 -4.55 7.45 11.24
N PHE B 92 -4.56 6.15 10.94
CA PHE B 92 -3.95 5.15 11.78
C PHE B 92 -2.71 4.58 11.06
N ILE B 93 -1.54 4.72 11.70
CA ILE B 93 -0.34 4.07 11.21
C ILE B 93 -0.08 2.82 12.05
N MET B 94 -0.10 1.65 11.37
CA MET B 94 -0.06 0.36 12.05
C MET B 94 1.12 -0.47 11.58
N GLY B 95 2.16 -0.52 12.43
CA GLY B 95 3.33 -1.35 12.19
C GLY B 95 3.12 -2.74 12.78
N HIS B 96 4.13 -3.61 12.65
CA HIS B 96 3.98 -4.96 13.16
C HIS B 96 5.32 -5.49 13.65
N GLU B 97 5.24 -6.38 14.66
CA GLU B 97 6.39 -7.08 15.21
C GLU B 97 6.91 -8.05 14.15
N CYS B 98 8.23 -8.30 14.17
CA CYS B 98 8.89 -9.22 13.26
C CYS B 98 8.76 -8.73 11.82
N CYS B 99 8.95 -7.43 11.60
CA CYS B 99 8.70 -6.80 10.31
C CYS B 99 9.66 -7.28 9.23
N GLY B 100 10.94 -7.46 9.59
CA GLY B 100 11.92 -7.95 8.63
C GLY B 100 12.39 -6.86 7.68
N MET B 101 11.83 -5.65 7.83
CA MET B 101 12.49 -4.43 7.40
C MET B 101 13.55 -4.06 8.45
N THR B 102 13.36 -4.62 9.65
CA THR B 102 14.28 -4.49 10.77
C THR B 102 15.65 -5.04 10.38
N HIS B 103 15.67 -6.31 9.95
CA HIS B 103 16.89 -7.03 9.61
C HIS B 103 17.07 -7.07 8.09
N ALA B 104 16.61 -6.01 7.42
CA ALA B 104 16.94 -5.78 6.01
C ALA B 104 17.91 -4.60 5.91
N SER B 105 18.91 -4.76 5.05
CA SER B 105 19.89 -3.70 4.89
C SER B 105 20.21 -3.51 3.42
N THR B 106 20.89 -2.40 3.12
CA THR B 106 21.35 -2.14 1.76
C THR B 106 22.41 -3.15 1.36
N ASP B 107 23.19 -3.63 2.33
CA ASP B 107 24.20 -4.65 2.08
C ASP B 107 23.54 -5.93 1.56
N SER B 108 22.53 -6.42 2.30
CA SER B 108 21.90 -7.69 2.00
C SER B 108 21.12 -7.60 0.69
N LEU B 109 20.45 -6.46 0.46
CA LEU B 109 19.71 -6.26 -0.78
C LEU B 109 20.69 -6.11 -1.95
N GLY B 110 21.80 -5.39 -1.70
CA GLY B 110 22.85 -5.21 -2.69
C GLY B 110 23.40 -6.55 -3.17
N ALA B 111 23.76 -7.40 -2.21
CA ALA B 111 24.25 -8.75 -2.44
C ALA B 111 23.26 -9.54 -3.31
N GLN B 112 21.96 -9.43 -3.00
CA GLN B 112 20.91 -10.14 -3.71
C GLN B 112 20.80 -9.64 -5.14
N MET B 113 20.93 -8.32 -5.32
CA MET B 113 20.81 -7.69 -6.62
C MET B 113 21.97 -8.11 -7.52
N LEU B 114 23.18 -8.19 -6.94
CA LEU B 114 24.36 -8.64 -7.67
C LEU B 114 24.12 -10.05 -8.22
N LYS B 115 23.54 -10.90 -7.38
CA LYS B 115 23.17 -12.25 -7.76
C LYS B 115 22.20 -12.25 -8.93
N SER B 116 21.37 -11.21 -9.03
CA SER B 116 20.30 -11.18 -10.02
C SER B 116 20.75 -10.46 -11.29
N GLY B 117 22.04 -10.13 -11.36
CA GLY B 117 22.64 -9.60 -12.58
C GLY B 117 22.39 -8.10 -12.72
N ILE B 118 22.12 -7.44 -11.59
CA ILE B 118 21.99 -6.00 -11.57
C ILE B 118 23.39 -5.41 -11.64
N LYS B 119 23.57 -4.38 -12.47
CA LYS B 119 24.84 -3.72 -12.65
C LYS B 119 25.32 -3.14 -11.31
N PRO B 120 26.57 -3.44 -10.89
CA PRO B 120 27.14 -2.86 -9.67
C PRO B 120 27.03 -1.33 -9.60
N GLU B 121 27.15 -0.69 -10.77
CA GLU B 121 27.12 0.77 -10.86
C GLU B 121 25.74 1.27 -10.45
N ASP B 122 24.71 0.51 -10.85
CA ASP B 122 23.32 0.83 -10.55
C ASP B 122 23.06 0.66 -9.05
N ILE B 123 23.67 -0.37 -8.45
CA ILE B 123 23.53 -0.68 -7.03
C ILE B 123 24.11 0.46 -6.20
N GLU B 124 25.26 0.99 -6.63
CA GLU B 124 25.94 2.05 -5.91
C GLU B 124 25.14 3.35 -6.03
N LYS B 125 24.53 3.58 -7.20
CA LYS B 125 23.82 4.81 -7.49
C LYS B 125 22.67 4.97 -6.49
N PHE B 126 21.98 3.85 -6.19
CA PHE B 126 20.73 3.93 -5.46
C PHE B 126 20.91 3.58 -3.99
N LYS B 127 22.11 3.12 -3.61
CA LYS B 127 22.40 2.59 -2.28
C LYS B 127 22.06 3.63 -1.20
N SER B 128 22.43 4.88 -1.45
CA SER B 128 22.24 5.95 -0.49
C SER B 128 20.75 6.22 -0.27
N ASP B 129 19.99 6.37 -1.36
CA ASP B 129 18.56 6.61 -1.29
C ASP B 129 17.84 5.42 -0.65
N LEU B 130 18.20 4.20 -1.06
CA LEU B 130 17.56 2.98 -0.60
C LEU B 130 17.73 2.84 0.92
N SER B 131 18.85 3.38 1.42
CA SER B 131 19.23 3.33 2.83
C SER B 131 18.15 3.97 3.70
N LYS B 132 17.46 4.98 3.15
CA LYS B 132 16.51 5.78 3.88
C LYS B 132 15.29 4.96 4.29
N TRP B 133 15.03 3.88 3.54
CA TRP B 133 13.92 2.98 3.81
C TRP B 133 14.35 1.83 4.74
N VAL B 134 15.47 1.17 4.42
CA VAL B 134 15.76 -0.13 5.02
C VAL B 134 16.73 -0.03 6.21
N ASP B 135 17.69 0.89 6.14
CA ASP B 135 18.70 1.00 7.18
C ASP B 135 18.19 1.85 8.35
N ASP B 136 17.39 2.88 8.03
CA ASP B 136 16.85 3.77 9.05
C ASP B 136 15.75 3.07 9.84
N PHE B 137 15.20 1.99 9.27
CA PHE B 137 14.20 1.15 9.95
C PHE B 137 14.88 0.34 11.05
N LYS B 138 14.87 0.90 12.27
CA LYS B 138 15.59 0.31 13.40
C LYS B 138 14.71 -0.74 14.07
N ASP B 139 13.48 -0.32 14.42
CA ASP B 139 12.59 -1.09 15.26
C ASP B 139 11.15 -0.74 14.88
N PRO B 140 10.21 -1.72 14.86
CA PRO B 140 8.81 -1.46 14.52
C PRO B 140 8.14 -0.32 15.31
N ILE B 141 8.35 -0.31 16.64
CA ILE B 141 7.74 0.66 17.53
C ILE B 141 8.32 2.06 17.24
N ASP B 142 9.63 2.12 17.08
CA ASP B 142 10.34 3.36 16.83
C ASP B 142 9.87 3.95 15.50
N ASN B 143 9.68 3.06 14.51
CA ASN B 143 9.24 3.43 13.18
C ASN B 143 7.81 3.99 13.24
N ILE B 144 6.96 3.38 14.08
CA ILE B 144 5.60 3.85 14.26
C ILE B 144 5.63 5.27 14.83
N LYS B 145 6.37 5.45 15.93
CA LYS B 145 6.46 6.73 16.62
C LYS B 145 6.98 7.80 15.67
N ASN B 146 8.00 7.45 14.87
CA ASN B 146 8.66 8.37 13.95
C ASN B 146 7.74 8.69 12.77
N SER B 147 6.99 7.68 12.31
CA SER B 147 6.09 7.84 11.19
C SER B 147 4.95 8.77 11.58
N VAL B 148 4.40 8.56 12.78
CA VAL B 148 3.35 9.41 13.32
C VAL B 148 3.86 10.86 13.40
N ARG B 149 5.14 11.02 13.70
CA ARG B 149 5.70 12.36 13.82
C ARG B 149 5.81 13.02 12.44
N CYS B 150 6.27 12.25 11.44
CA CYS B 150 6.54 12.81 10.12
C CYS B 150 5.25 13.20 9.40
N VAL B 151 4.16 12.46 9.65
CA VAL B 151 2.88 12.82 9.09
C VAL B 151 2.39 14.10 9.77
N ARG B 152 2.53 14.15 11.10
CA ARG B 152 2.12 15.30 11.90
C ARG B 152 2.77 16.58 11.40
N GLU B 153 4.10 16.55 11.22
CA GLU B 153 4.88 17.74 10.91
C GLU B 153 4.84 18.04 9.41
N ASN B 154 4.07 17.27 8.66
CA ASN B 154 3.89 17.52 7.24
C ASN B 154 3.03 18.78 7.07
N PRO B 155 3.53 19.81 6.35
CA PRO B 155 2.82 21.08 6.23
C PRO B 155 1.55 21.00 5.38
N LEU B 156 1.38 19.90 4.65
CA LEU B 156 0.22 19.74 3.79
C LEU B 156 -0.92 19.05 4.54
N ILE B 157 -0.65 18.63 5.79
CA ILE B 157 -1.62 17.85 6.55
C ILE B 157 -2.20 18.68 7.68
N PRO B 158 -3.55 18.86 7.71
CA PRO B 158 -4.20 19.75 8.68
C PRO B 158 -3.94 19.29 10.11
N LYS B 159 -3.94 20.25 11.04
CA LYS B 159 -3.65 19.98 12.44
C LYS B 159 -4.83 19.27 13.11
N ASN B 160 -6.01 19.36 12.49
CA ASN B 160 -7.22 18.82 13.10
C ASN B 160 -7.47 17.36 12.67
N ILE B 161 -6.49 16.75 11.98
CA ILE B 161 -6.61 15.35 11.61
C ILE B 161 -5.77 14.52 12.59
N PRO B 162 -6.38 13.80 13.56
CA PRO B 162 -5.61 12.92 14.44
C PRO B 162 -4.79 11.85 13.71
N ILE B 163 -3.57 11.63 14.19
CA ILE B 163 -2.71 10.56 13.69
C ILE B 163 -2.36 9.61 14.84
N HIS B 164 -2.84 8.37 14.73
CA HIS B 164 -2.65 7.34 15.74
C HIS B 164 -1.56 6.36 15.29
N GLY B 165 -1.02 5.65 16.29
CA GLY B 165 0.00 4.66 16.05
C GLY B 165 -0.40 3.35 16.70
N LEU B 166 -0.40 2.27 15.90
CA LEU B 166 -0.79 0.96 16.37
C LEU B 166 0.30 -0.05 16.01
N LEU B 167 0.34 -1.13 16.77
CA LEU B 167 1.22 -2.25 16.49
C LEU B 167 0.38 -3.52 16.47
N ILE B 168 0.51 -4.30 15.38
CA ILE B 168 -0.20 -5.57 15.26
C ILE B 168 0.83 -6.69 15.27
N HIS B 169 0.48 -7.81 15.90
CA HIS B 169 1.29 -9.01 15.86
C HIS B 169 0.85 -9.88 14.68
N PRO B 170 1.78 -10.22 13.76
CA PRO B 170 1.40 -10.91 12.51
C PRO B 170 0.87 -12.33 12.67
N ASP B 171 1.07 -12.93 13.85
CA ASP B 171 0.63 -14.30 14.08
C ASP B 171 -0.70 -14.32 14.83
N THR B 172 -0.75 -13.62 15.97
CA THR B 172 -1.90 -13.66 16.86
C THR B 172 -2.95 -12.66 16.40
N GLY B 173 -2.49 -11.53 15.85
CA GLY B 173 -3.37 -10.46 15.41
C GLY B 173 -3.65 -9.46 16.53
N LYS B 174 -2.95 -9.59 17.66
CA LYS B 174 -3.11 -8.68 18.78
C LYS B 174 -2.65 -7.28 18.38
N VAL B 175 -3.51 -6.29 18.61
CA VAL B 175 -3.18 -4.90 18.33
C VAL B 175 -2.94 -4.20 19.67
N THR B 176 -1.83 -3.44 19.74
CA THR B 176 -1.57 -2.63 20.91
C THR B 176 -1.44 -1.18 20.44
N THR B 177 -2.12 -0.28 21.16
CA THR B 177 -2.05 1.16 20.91
C THR B 177 -0.68 1.66 21.30
N ILE B 178 -0.06 2.45 20.41
CA ILE B 178 1.24 3.05 20.69
C ILE B 178 1.04 4.54 20.91
N ILE B 179 0.36 5.21 19.97
CA ILE B 179 0.11 6.65 20.10
C ILE B 179 -1.38 6.92 19.89
N ASN B 180 -1.97 7.66 20.84
CA ASN B 180 -3.33 8.15 20.70
C ASN B 180 -3.25 9.61 20.24
N GLY B 181 -3.85 9.91 19.07
CA GLY B 181 -3.60 11.17 18.40
C GLY B 181 -4.68 12.23 18.59
N TYR B 182 -5.63 12.03 19.51
CA TYR B 182 -6.81 12.88 19.58
C TYR B 182 -6.49 14.28 20.12
ZN ZN C . -8.07 4.19 -7.10
ZN ZN D . 6.58 -5.62 7.63
#